data_8SDQ
#
_entry.id   8SDQ
#
_cell.length_a   52.893
_cell.length_b   52.893
_cell.length_c   162.602
_cell.angle_alpha   90.000
_cell.angle_beta   90.000
_cell.angle_gamma   90.000
#
_symmetry.space_group_name_H-M   'P 43 2 2'
#
loop_
_entity.id
_entity.type
_entity.pdbx_description
1 polymer 'ATPase family AAA domain-containing protein 2'
2 polymer 'Histone H4'
3 water water
#
loop_
_entity_poly.entity_id
_entity_poly.type
_entity_poly.pdbx_seq_one_letter_code
_entity_poly.pdbx_strand_id
1 'polypeptide(L)'
;GPLGSEPRSLTAEEVKRLEEQEEDTFRELRIFLRNVTHRLAIDKRFRVFTKPVDPDEVPDYVTVIKQPMDLSSVISKIDL
HKYLTVKDYLRDIDLICSNALEYNPDRDPGDRLIRHRACALRDTAYAIIKEELDEDFEQLAEEIQESRKKRG
;
A
2 'polypeptide(L)' (SEP)GRG(ALY)GGKGLGKGGA B
#
# COMPACT_ATOMS: atom_id res chain seq x y z
N LEU A 18 30.14 -16.55 -2.05
CA LEU A 18 29.25 -15.39 -2.08
C LEU A 18 27.79 -15.75 -1.81
N GLU A 19 27.09 -14.87 -1.10
CA GLU A 19 25.69 -15.05 -0.75
C GLU A 19 24.83 -14.07 -1.54
N GLU A 20 24.60 -14.40 -2.82
CA GLU A 20 23.59 -13.74 -3.63
C GLU A 20 22.19 -14.26 -3.33
N GLN A 21 22.08 -15.22 -2.40
CA GLN A 21 20.77 -15.76 -2.02
C GLN A 21 19.89 -14.70 -1.40
N GLU A 22 20.49 -13.74 -0.68
CA GLU A 22 19.70 -12.64 -0.13
C GLU A 22 19.02 -11.86 -1.23
N GLU A 23 19.74 -11.61 -2.34
CA GLU A 23 19.14 -10.88 -3.46
C GLU A 23 18.06 -11.70 -4.14
N ASP A 24 18.22 -13.02 -4.15
CA ASP A 24 17.16 -13.88 -4.68
C ASP A 24 15.88 -13.72 -3.88
N THR A 25 16.01 -13.63 -2.55
CA THR A 25 14.86 -13.37 -1.72
C THR A 25 14.17 -12.08 -2.11
N PHE A 26 14.94 -11.01 -2.25
CA PHE A 26 14.33 -9.72 -2.55
C PHE A 26 13.71 -9.72 -3.94
N ARG A 27 14.35 -10.40 -4.90
CA ARG A 27 13.75 -10.51 -6.22
C ARG A 27 12.41 -11.22 -6.14
N GLU A 28 12.35 -12.36 -5.46
CA GLU A 28 11.07 -13.06 -5.35
CA GLU A 28 11.07 -13.06 -5.35
CA GLU A 28 11.07 -13.07 -5.34
C GLU A 28 10.05 -12.25 -4.57
N LEU A 29 10.49 -11.47 -3.58
CA LEU A 29 9.56 -10.61 -2.85
C LEU A 29 8.97 -9.54 -3.76
N ARG A 30 9.81 -8.87 -4.55
CA ARG A 30 9.31 -7.82 -5.42
C ARG A 30 8.32 -8.37 -6.45
N ILE A 31 8.59 -9.57 -6.98
CA ILE A 31 7.69 -10.13 -7.97
C ILE A 31 6.33 -10.37 -7.33
N PHE A 32 6.36 -10.91 -6.11
CA PHE A 32 5.15 -11.14 -5.36
C PHE A 32 4.43 -9.82 -5.06
N LEU A 33 5.16 -8.81 -4.58
CA LEU A 33 4.54 -7.51 -4.30
C LEU A 33 3.94 -6.88 -5.55
N ARG A 34 4.64 -6.96 -6.68
CA ARG A 34 4.09 -6.35 -7.88
C ARG A 34 2.81 -7.07 -8.29
N ASN A 35 2.77 -8.40 -8.14
CA ASN A 35 1.57 -9.15 -8.48
C ASN A 35 0.41 -8.78 -7.54
N VAL A 36 0.68 -8.67 -6.24
CA VAL A 36 -0.37 -8.25 -5.30
C VAL A 36 -0.87 -6.86 -5.63
N THR A 37 0.06 -5.91 -5.81
CA THR A 37 -0.34 -4.55 -6.12
C THR A 37 -1.14 -4.49 -7.40
N HIS A 38 -0.75 -5.28 -8.40
CA HIS A 38 -1.52 -5.26 -9.64
C HIS A 38 -2.96 -5.74 -9.41
N ARG A 39 -3.11 -6.78 -8.59
CA ARG A 39 -4.45 -7.29 -8.32
C ARG A 39 -5.28 -6.28 -7.55
N LEU A 40 -4.65 -5.50 -6.68
CA LEU A 40 -5.39 -4.43 -6.02
C LEU A 40 -5.73 -3.33 -7.01
N ALA A 41 -4.78 -2.98 -7.88
CA ALA A 41 -5.00 -1.83 -8.75
C ALA A 41 -6.05 -2.11 -9.83
N ILE A 42 -6.30 -3.37 -10.20
CA ILE A 42 -7.31 -3.64 -11.22
C ILE A 42 -8.65 -3.97 -10.59
N ASP A 43 -8.73 -4.04 -9.27
CA ASP A 43 -10.00 -4.21 -8.59
C ASP A 43 -10.81 -2.93 -8.66
N LYS A 44 -12.02 -3.00 -9.20
CA LYS A 44 -12.77 -1.78 -9.46
C LYS A 44 -13.01 -0.99 -8.18
N ARG A 45 -13.12 -1.69 -7.05
CA ARG A 45 -13.34 -1.02 -5.77
C ARG A 45 -12.23 -0.04 -5.44
N PHE A 46 -11.00 -0.32 -5.87
CA PHE A 46 -9.86 0.46 -5.41
C PHE A 46 -9.34 1.43 -6.45
N ARG A 47 -10.15 1.75 -7.48
CA ARG A 47 -9.67 2.64 -8.52
C ARG A 47 -9.28 3.99 -7.92
N VAL A 48 -9.97 4.40 -6.85
CA VAL A 48 -9.71 5.73 -6.27
C VAL A 48 -8.34 5.77 -5.63
N PHE A 49 -7.77 4.61 -5.31
CA PHE A 49 -6.47 4.52 -4.68
C PHE A 49 -5.35 4.23 -5.66
N THR A 50 -5.64 4.26 -6.96
CA THR A 50 -4.64 3.93 -7.97
C THR A 50 -3.86 5.15 -8.44
N LYS A 51 -4.26 6.35 -8.06
CA LYS A 51 -3.60 7.59 -8.45
C LYS A 51 -3.53 8.50 -7.22
N PRO A 52 -2.53 9.37 -7.16
CA PRO A 52 -2.45 10.29 -6.02
C PRO A 52 -3.68 11.19 -5.99
N VAL A 53 -4.04 11.64 -4.79
CA VAL A 53 -5.12 12.60 -4.66
C VAL A 53 -4.72 13.88 -5.38
N ASP A 54 -5.67 14.43 -6.15
CA ASP A 54 -5.40 15.60 -6.97
C ASP A 54 -5.78 16.87 -6.22
N PRO A 55 -4.83 17.76 -5.89
CA PRO A 55 -5.19 18.96 -5.11
C PRO A 55 -6.07 19.92 -5.87
N ASP A 56 -6.09 19.83 -7.20
CA ASP A 56 -7.03 20.63 -7.97
C ASP A 56 -8.47 20.21 -7.69
N GLU A 57 -8.71 18.93 -7.42
CA GLU A 57 -10.03 18.45 -7.06
CA GLU A 57 -10.05 18.50 -7.06
C GLU A 57 -10.29 18.51 -5.55
N VAL A 58 -9.25 18.32 -4.74
CA VAL A 58 -9.42 18.26 -3.28
C VAL A 58 -8.45 19.26 -2.64
N PRO A 59 -8.72 20.56 -2.70
CA PRO A 59 -7.70 21.54 -2.34
C PRO A 59 -7.25 21.49 -0.89
N ASP A 60 -8.04 20.88 0.00
CA ASP A 60 -7.63 20.84 1.40
C ASP A 60 -6.95 19.54 1.78
N TYR A 61 -6.80 18.61 0.84
CA TYR A 61 -6.18 17.32 1.14
C TYR A 61 -4.79 17.51 1.74
N VAL A 62 -3.98 18.37 1.13
CA VAL A 62 -2.61 18.52 1.60
C VAL A 62 -2.55 19.15 2.98
N THR A 63 -3.64 19.76 3.44
CA THR A 63 -3.67 20.37 4.78
C THR A 63 -3.98 19.36 5.87
N VAL A 64 -4.42 18.15 5.51
CA VAL A 64 -4.72 17.08 6.46
C VAL A 64 -3.67 15.98 6.39
N ILE A 65 -3.26 15.60 5.20
CA ILE A 65 -2.45 14.40 4.96
C ILE A 65 -1.03 14.84 4.63
N LYS A 66 -0.08 14.52 5.51
CA LYS A 66 1.32 14.90 5.30
C LYS A 66 2.10 13.93 4.42
N GLN A 67 1.69 12.65 4.38
CA GLN A 67 2.42 11.57 3.71
C GLN A 67 1.47 10.85 2.76
N PRO A 68 1.25 11.41 1.59
CA PRO A 68 0.32 10.80 0.65
C PRO A 68 0.88 9.50 0.09
N MET A 69 -0.03 8.59 -0.26
CA MET A 69 0.36 7.28 -0.76
C MET A 69 -0.79 6.74 -1.61
N ASP A 70 -0.44 6.02 -2.67
CA ASP A 70 -1.40 5.39 -3.56
C ASP A 70 -0.72 4.21 -4.26
N LEU A 71 -1.53 3.40 -4.95
CA LEU A 71 -1.01 2.16 -5.53
C LEU A 71 0.00 2.41 -6.64
N SER A 72 -0.11 3.53 -7.38
CA SER A 72 0.92 3.78 -8.38
C SER A 72 2.25 4.14 -7.71
N SER A 73 2.22 4.82 -6.56
CA SER A 73 3.47 5.11 -5.86
C SER A 73 4.05 3.85 -5.25
N VAL A 74 3.19 2.91 -4.89
CA VAL A 74 3.67 1.65 -4.33
C VAL A 74 4.44 0.88 -5.41
N ILE A 75 3.91 0.86 -6.63
CA ILE A 75 4.64 0.26 -7.74
C ILE A 75 6.01 0.90 -7.91
N SER A 76 6.07 2.23 -7.95
CA SER A 76 7.36 2.89 -8.10
C SER A 76 8.31 2.50 -6.98
N LYS A 77 7.80 2.40 -5.76
CA LYS A 77 8.68 1.99 -4.67
C LYS A 77 9.12 0.53 -4.80
N ILE A 78 8.28 -0.36 -5.34
CA ILE A 78 8.79 -1.70 -5.63
C ILE A 78 9.96 -1.60 -6.60
N ASP A 79 9.76 -0.87 -7.71
CA ASP A 79 10.79 -0.73 -8.74
C ASP A 79 12.10 -0.20 -8.17
N LEU A 80 12.02 0.71 -7.22
CA LEU A 80 13.21 1.33 -6.67
C LEU A 80 13.74 0.59 -5.46
N HIS A 81 13.25 -0.63 -5.21
CA HIS A 81 13.80 -1.48 -4.14
C HIS A 81 13.60 -0.87 -2.76
N LYS A 82 12.48 -0.16 -2.55
CA LYS A 82 12.18 0.41 -1.24
C LYS A 82 11.50 -0.57 -0.31
N TYR A 83 10.99 -1.69 -0.80
CA TYR A 83 10.37 -2.70 0.05
C TYR A 83 11.30 -3.89 0.16
N LEU A 84 11.90 -4.06 1.33
CA LEU A 84 12.65 -5.26 1.61
C LEU A 84 11.84 -6.30 2.34
N THR A 85 10.66 -5.95 2.84
CA THR A 85 9.88 -6.86 3.66
C THR A 85 8.41 -6.66 3.33
N VAL A 86 7.62 -7.69 3.60
CA VAL A 86 6.17 -7.52 3.51
C VAL A 86 5.67 -6.46 4.49
N LYS A 87 6.28 -6.39 5.69
CA LYS A 87 5.92 -5.35 6.65
C LYS A 87 6.10 -3.96 6.05
N ASP A 88 7.24 -3.70 5.40
CA ASP A 88 7.44 -2.40 4.76
C ASP A 88 6.34 -2.13 3.75
N TYR A 89 5.94 -3.15 2.99
CA TYR A 89 4.92 -2.98 1.97
C TYR A 89 3.56 -2.71 2.60
N LEU A 90 3.18 -3.50 3.59
CA LEU A 90 1.88 -3.32 4.24
C LEU A 90 1.81 -2.00 5.00
N ARG A 91 2.97 -1.47 5.43
CA ARG A 91 2.97 -0.13 6.02
C ARG A 91 2.42 0.89 5.04
N ASP A 92 2.76 0.73 3.75
CA ASP A 92 2.27 1.68 2.75
C ASP A 92 0.83 1.38 2.38
N ILE A 93 0.42 0.11 2.38
CA ILE A 93 -1.00 -0.16 2.20
C ILE A 93 -1.79 0.44 3.35
N ASP A 94 -1.30 0.24 4.58
CA ASP A 94 -1.93 0.82 5.75
C ASP A 94 -1.97 2.33 5.70
N LEU A 95 -0.94 2.95 5.11
CA LEU A 95 -0.93 4.40 4.92
C LEU A 95 -2.01 4.86 3.97
N ILE A 96 -2.17 4.19 2.83
CA ILE A 96 -3.29 4.49 1.94
C ILE A 96 -4.60 4.47 2.72
N CYS A 97 -4.81 3.42 3.49
CA CYS A 97 -6.06 3.29 4.24
C CYS A 97 -6.18 4.37 5.31
N SER A 98 -5.12 4.56 6.11
CA SER A 98 -5.26 5.50 7.22
C SER A 98 -5.38 6.93 6.71
N ASN A 99 -4.70 7.27 5.61
CA ASN A 99 -4.91 8.60 5.03
C ASN A 99 -6.38 8.80 4.66
N ALA A 100 -6.98 7.80 4.03
CA ALA A 100 -8.37 7.94 3.60
C ALA A 100 -9.27 8.07 4.81
N LEU A 101 -8.97 7.35 5.89
CA LEU A 101 -9.83 7.39 7.06
C LEU A 101 -9.60 8.65 7.87
N GLU A 102 -8.39 9.20 7.83
CA GLU A 102 -8.15 10.48 8.49
C GLU A 102 -8.73 11.63 7.70
N TYR A 103 -8.54 11.62 6.38
CA TYR A 103 -8.98 12.76 5.58
C TYR A 103 -10.50 12.78 5.45
N ASN A 104 -11.10 11.66 5.06
CA ASN A 104 -12.49 11.70 4.62
C ASN A 104 -13.42 11.76 5.81
N PRO A 105 -14.37 12.69 5.82
CA PRO A 105 -15.40 12.69 6.86
C PRO A 105 -16.42 11.60 6.59
N ASP A 106 -17.51 11.63 7.35
CA ASP A 106 -18.63 10.71 7.22
C ASP A 106 -19.93 11.49 7.10
N ARG A 107 -20.06 12.28 6.03
CA ARG A 107 -21.16 13.22 5.89
C ARG A 107 -22.13 12.90 4.76
N ASP A 108 -21.71 12.15 3.75
CA ASP A 108 -22.65 11.75 2.72
C ASP A 108 -22.35 10.33 2.24
N PRO A 109 -23.17 9.76 1.35
CA PRO A 109 -22.88 8.38 0.89
C PRO A 109 -21.55 8.24 0.19
N GLY A 110 -21.11 9.25 -0.56
CA GLY A 110 -19.79 9.17 -1.18
C GLY A 110 -18.67 9.06 -0.16
N ASP A 111 -18.77 9.80 0.94
CA ASP A 111 -17.80 9.68 2.04
C ASP A 111 -17.76 8.25 2.58
N ARG A 112 -18.93 7.69 2.90
CA ARG A 112 -18.97 6.34 3.45
C ARG A 112 -18.37 5.33 2.49
N LEU A 113 -18.63 5.51 1.19
CA LEU A 113 -18.13 4.59 0.18
C LEU A 113 -16.61 4.56 0.14
N ILE A 114 -15.98 5.75 0.04
CA ILE A 114 -14.52 5.80 -0.02
C ILE A 114 -13.91 5.24 1.26
N ARG A 115 -14.53 5.50 2.42
CA ARG A 115 -13.98 4.98 3.67
C ARG A 115 -14.08 3.46 3.73
N HIS A 116 -15.18 2.92 3.23
CA HIS A 116 -15.33 1.46 3.17
C HIS A 116 -14.29 0.86 2.23
N ARG A 117 -14.05 1.53 1.08
CA ARG A 117 -13.06 1.02 0.14
C ARG A 117 -11.66 1.05 0.72
N ALA A 118 -11.36 2.06 1.54
CA ALA A 118 -10.05 2.11 2.20
C ALA A 118 -9.84 0.91 3.11
N CYS A 119 -10.86 0.59 3.92
CA CYS A 119 -10.74 -0.58 4.78
C CYS A 119 -10.68 -1.86 3.98
N ALA A 120 -11.48 -1.95 2.90
CA ALA A 120 -11.45 -3.13 2.06
C ALA A 120 -10.10 -3.31 1.37
N LEU A 121 -9.44 -2.19 1.01
CA LEU A 121 -8.10 -2.28 0.44
C LEU A 121 -7.12 -2.90 1.42
N ARG A 122 -7.05 -2.32 2.61
CA ARG A 122 -6.25 -2.90 3.70
C ARG A 122 -6.56 -4.38 3.89
N ASP A 123 -7.83 -4.70 4.07
CA ASP A 123 -8.20 -6.09 4.41
C ASP A 123 -7.86 -7.04 3.27
N THR A 124 -8.10 -6.61 2.02
CA THR A 124 -7.76 -7.45 0.88
C THR A 124 -6.27 -7.71 0.79
N ALA A 125 -5.45 -6.66 0.91
CA ALA A 125 -4.00 -6.86 0.86
C ALA A 125 -3.55 -7.80 1.96
N TYR A 126 -4.07 -7.61 3.18
CA TYR A 126 -3.66 -8.46 4.28
C TYR A 126 -4.06 -9.91 4.02
N ALA A 127 -5.27 -10.12 3.50
CA ALA A 127 -5.77 -11.48 3.32
C ALA A 127 -4.99 -12.21 2.23
N ILE A 128 -4.65 -11.51 1.14
CA ILE A 128 -3.85 -12.12 0.08
C ILE A 128 -2.50 -12.55 0.62
N ILE A 129 -1.83 -11.65 1.35
CA ILE A 129 -0.51 -11.98 1.87
C ILE A 129 -0.59 -13.16 2.84
N LYS A 130 -1.58 -13.15 3.74
CA LYS A 130 -1.72 -14.23 4.71
C LYS A 130 -1.98 -15.55 4.00
N GLU A 131 -2.77 -15.53 2.92
CA GLU A 131 -3.04 -16.77 2.21
C GLU A 131 -1.85 -17.21 1.36
N GLU A 132 -1.17 -16.29 0.71
CA GLU A 132 -0.24 -16.70 -0.34
C GLU A 132 1.23 -16.64 0.05
N LEU A 133 1.56 -15.95 1.13
CA LEU A 133 2.95 -15.72 1.48
C LEU A 133 3.42 -16.74 2.50
N ASP A 134 4.47 -17.48 2.14
CA ASP A 134 5.08 -18.42 3.05
C ASP A 134 5.65 -17.65 4.23
N GLU A 135 5.34 -18.11 5.44
CA GLU A 135 5.74 -17.40 6.64
C GLU A 135 7.26 -17.39 6.81
N ASP A 136 7.92 -18.49 6.43
CA ASP A 136 9.36 -18.52 6.58
C ASP A 136 10.06 -17.63 5.56
N PHE A 137 9.48 -17.51 4.37
CA PHE A 137 9.98 -16.57 3.38
C PHE A 137 9.91 -15.14 3.91
N GLU A 138 8.74 -14.73 4.42
CA GLU A 138 8.63 -13.40 5.00
CA GLU A 138 8.60 -13.41 5.02
C GLU A 138 9.61 -13.19 6.14
N GLN A 139 9.75 -14.18 7.02
CA GLN A 139 10.65 -13.99 8.15
C GLN A 139 12.08 -13.86 7.68
N LEU A 140 12.45 -14.61 6.64
CA LEU A 140 13.79 -14.49 6.09
C LEU A 140 14.03 -13.10 5.56
N ALA A 141 13.06 -12.55 4.82
CA ALA A 141 13.17 -11.19 4.31
C ALA A 141 13.35 -10.20 5.45
N GLU A 142 12.48 -10.29 6.46
CA GLU A 142 12.61 -9.41 7.63
C GLU A 142 13.99 -9.52 8.25
N GLU A 143 14.54 -10.72 8.31
CA GLU A 143 15.78 -10.87 9.07
C GLU A 143 17.00 -10.52 8.24
N ILE A 144 16.92 -10.63 6.92
CA ILE A 144 17.97 -10.05 6.08
C ILE A 144 17.99 -8.54 6.25
N GLN A 145 16.81 -7.90 6.22
CA GLN A 145 16.74 -6.48 6.48
C GLN A 145 17.40 -6.14 7.80
N GLU A 146 17.17 -6.97 8.81
CA GLU A 146 17.78 -6.72 10.12
C GLU A 146 19.30 -6.87 10.07
N SER A 147 19.81 -7.93 9.43
CA SER A 147 21.26 -8.08 9.28
C SER A 147 21.88 -6.90 8.54
N ARG A 148 21.19 -6.40 7.52
CA ARG A 148 21.70 -5.26 6.75
C ARG A 148 21.66 -3.97 7.55
N LYS A 149 20.68 -3.82 8.45
CA LYS A 149 20.68 -2.70 9.38
C LYS A 149 21.84 -2.78 10.37
N LYS A 150 22.39 -3.98 10.59
CA LYS A 150 23.42 -4.21 11.61
C LYS A 150 24.77 -4.59 11.01
N SEP B 1 -10.72 15.68 10.20
CA SEP B 1 -10.97 15.30 8.81
CB SEP B 1 -12.20 14.41 8.71
OG SEP B 1 -13.31 15.20 8.76
C SEP B 1 -11.19 16.54 7.90
O SEP B 1 -11.38 17.68 8.40
P SEP B 1 -14.27 15.11 10.29
O1P SEP B 1 -14.70 13.67 10.31
O2P SEP B 1 -13.27 15.49 11.38
O3P SEP B 1 -15.35 16.14 10.04
N GLY B 2 -11.17 16.33 6.59
CA GLY B 2 -11.33 17.43 5.66
C GLY B 2 -12.73 17.57 5.12
N ARG B 3 -12.84 18.36 4.04
CA ARG B 3 -14.15 18.63 3.45
C ARG B 3 -14.78 17.37 2.87
N GLY B 4 -13.96 16.42 2.43
CA GLY B 4 -14.47 15.31 1.64
C GLY B 4 -14.36 15.60 0.15
OH ALY B 5 -9.08 10.16 0.18
CH ALY B 5 -8.96 10.03 -1.03
CH3 ALY B 5 -8.24 8.89 -1.67
NZ ALY B 5 -9.46 10.91 -1.89
CE ALY B 5 -10.22 12.06 -1.43
CD ALY B 5 -11.54 12.12 -2.20
CG ALY B 5 -12.30 13.38 -1.78
CB ALY B 5 -13.59 13.47 -2.57
CA ALY B 5 -14.35 14.70 -2.10
N ALY B 5 -14.59 14.58 -0.66
C ALY B 5 -15.58 14.83 -2.96
O ALY B 5 -15.46 14.78 -4.20
N GLY B 6 -16.74 15.02 -2.37
CA GLY B 6 -17.97 15.17 -3.14
C GLY B 6 -18.12 16.44 -3.95
N GLY B 7 -17.02 17.18 -4.12
CA GLY B 7 -17.04 18.41 -4.88
C GLY B 7 -16.52 19.61 -4.11
#